data_4URY
#
_entry.id   4URY
#
_cell.length_a   149.679
_cell.length_b   149.679
_cell.length_c   200.175
_cell.angle_alpha   90.00
_cell.angle_beta   90.00
_cell.angle_gamma   90.00
#
_symmetry.space_group_name_H-M   'I 4 2 2'
#
loop_
_entity.id
_entity.type
_entity.pdbx_description
1 polymer 'GTPASE HRAS'
2 polymer 'SON OF SEVENLESS HOMOLOG 1'
3 non-polymer N-[(4-aminophenyl)sulfonyl]cyclopropanecarboxamide
4 water water
#
loop_
_entity_poly.entity_id
_entity_poly.type
_entity_poly.pdbx_seq_one_letter_code
_entity_poly.pdbx_strand_id
1 'polypeptide(L)'
;MHHHHHHGGGENLYFQGSHMTEYKLVVVGAGGVGKSALTIQLIQNHFVDEYDPTIEDSYRKQVVIDGETCLLDILDTAGQ
EEYSAMRDQYMRTGEGFLCVFAINNTKSFEDIHQYREQIKRVKDSDDVPMVLVGNKCDLAARTVESRQAQDLARSYGIPY
IETSAKTRQGVEDAFYTLVREIRQH
;
R
2 'polypeptide(L)'
;MEEQMRLPSADVYRFAEPDSEENIIFEENMQPKAGIPIIKAGTVIKLIERLTYHMYADPNFVRTFLTTYRSFCKPQELLS
LIIERFEIPEPEPTEADRIAIENGDQPLSAELKRFRKEYIQPVQLRVLNVCRHWVEHHFYDFERDAYLLQRMEEFIGTVR
GKAMKKWVESITKIIQRKKIARDNGPGHNITFQSSPPTVEWHISRPGHIETFDLLTLHPIEIARQLTLLESDLYRAVQPS
ELVGSVWTKEDKEINSPNLLKMIRHTTNLTLWFEKCIVETENLEERVAVVSRIIEILQVFQELNNFNGVLEVVSAMNSSP
VYRLDHTFEQIPSRQKKILEEAHELSEDHYKKYLAKLRSINPPCVPFFGIYLTNILKTEEGNPEVLKRHGKELINFSKRR
KVAEITGEIQQYQNQPYCLRVESDIKRFFENLNPMGNSMEKEFTDYLFNKSLEIEPRNPKPLPRFPKKYSYPLKSPGVRP
SNPRPGT
;
S
#
loop_
_chem_comp.id
_chem_comp.type
_chem_comp.name
_chem_comp.formula
RV1 non-polymer N-[(4-aminophenyl)sulfonyl]cyclopropanecarboxamide 'C10 H12 N2 O3 S'
#
# COMPACT_ATOMS: atom_id res chain seq x y z
N HIS A 19 28.88 11.83 -16.12
CA HIS A 19 28.69 10.95 -14.97
C HIS A 19 28.63 9.46 -15.39
N MET A 20 28.63 8.51 -14.41
CA MET A 20 28.51 7.08 -14.74
C MET A 20 27.10 6.75 -15.25
N THR A 21 27.00 5.68 -16.05
CA THR A 21 25.70 5.25 -16.58
C THR A 21 24.74 4.78 -15.48
N GLU A 22 23.49 5.25 -15.56
CA GLU A 22 22.41 4.86 -14.65
C GLU A 22 21.44 3.97 -15.43
N TYR A 23 21.25 2.71 -15.00
CA TYR A 23 20.30 1.78 -15.64
C TYR A 23 19.05 1.73 -14.81
N LYS A 24 17.91 2.07 -15.41
CA LYS A 24 16.61 2.03 -14.74
C LYS A 24 15.99 0.68 -15.00
N LEU A 25 15.90 -0.14 -13.95
CA LEU A 25 15.38 -1.51 -14.02
C LEU A 25 13.99 -1.62 -13.36
N VAL A 26 13.11 -2.44 -13.94
CA VAL A 26 11.75 -2.62 -13.40
C VAL A 26 11.52 -4.09 -13.11
N VAL A 27 11.03 -4.39 -11.91
CA VAL A 27 10.69 -5.74 -11.48
C VAL A 27 9.18 -5.94 -11.64
N VAL A 28 8.77 -6.96 -12.38
CA VAL A 28 7.36 -7.28 -12.65
C VAL A 28 7.13 -8.72 -12.25
N GLY A 29 5.92 -8.98 -11.80
CA GLY A 29 5.54 -10.32 -11.39
C GLY A 29 4.35 -10.36 -10.48
N ALA A 30 3.84 -11.58 -10.28
CA ALA A 30 2.72 -11.80 -9.37
C ALA A 30 3.09 -11.45 -7.92
N GLY A 31 2.08 -10.99 -7.23
CA GLY A 31 2.17 -10.74 -5.80
C GLY A 31 1.90 -12.00 -5.00
N GLY A 32 2.18 -11.92 -3.72
CA GLY A 32 1.92 -13.00 -2.79
C GLY A 32 2.92 -14.12 -2.77
N VAL A 33 3.97 -14.03 -3.60
CA VAL A 33 4.94 -15.11 -3.72
C VAL A 33 6.41 -14.67 -3.53
N GLY A 34 6.65 -13.69 -2.67
CA GLY A 34 8.00 -13.24 -2.30
C GLY A 34 8.86 -12.55 -3.35
N LYS A 35 8.26 -11.95 -4.37
CA LYS A 35 8.98 -11.22 -5.44
C LYS A 35 9.97 -10.19 -4.88
N SER A 36 9.58 -9.49 -3.78
CA SER A 36 10.39 -8.41 -3.21
C SER A 36 11.77 -8.84 -2.67
N ALA A 37 11.96 -10.12 -2.39
CA ALA A 37 13.22 -10.61 -1.87
C ALA A 37 14.36 -10.48 -2.86
N LEU A 38 14.07 -10.48 -4.16
CA LEU A 38 15.09 -10.30 -5.19
C LEU A 38 15.84 -8.97 -5.01
N THR A 39 15.11 -7.86 -5.01
CA THR A 39 15.71 -6.51 -4.93
C THR A 39 16.23 -6.20 -3.52
N ILE A 40 15.53 -6.65 -2.48
CA ILE A 40 15.96 -6.43 -1.10
C ILE A 40 17.33 -7.10 -0.89
N GLN A 41 17.46 -8.35 -1.33
CA GLN A 41 18.72 -9.10 -1.20
C GLN A 41 19.86 -8.44 -1.96
N LEU A 42 19.61 -7.95 -3.18
CA LEU A 42 20.65 -7.26 -3.96
C LEU A 42 21.23 -6.05 -3.18
N ILE A 43 20.33 -5.15 -2.75
CA ILE A 43 20.68 -3.89 -2.11
C ILE A 43 21.36 -4.08 -0.78
N GLN A 44 20.77 -4.86 0.10
CA GLN A 44 21.35 -5.09 1.41
C GLN A 44 22.57 -6.00 1.27
N ASN A 45 23.63 -5.72 2.03
CA ASN A 45 24.86 -6.53 1.93
C ASN A 45 24.51 -7.98 2.31
N HIS A 46 25.25 -8.98 1.76
CA HIS A 46 25.00 -10.41 2.07
C HIS A 46 25.11 -10.76 3.58
N PHE A 47 25.52 -9.79 4.46
CA PHE A 47 25.70 -9.95 5.92
C PHE A 47 24.88 -8.94 6.75
N VAL A 48 24.20 -7.97 6.09
CA VAL A 48 23.33 -6.98 6.74
C VAL A 48 21.89 -7.46 6.50
N ASP A 49 20.98 -7.26 7.48
CA ASP A 49 19.55 -7.63 7.36
C ASP A 49 18.56 -6.56 7.94
N GLU A 50 19.00 -5.30 8.19
CA GLU A 50 18.13 -4.21 8.70
C GLU A 50 17.78 -3.31 7.50
N TYR A 51 16.58 -3.52 6.88
CA TYR A 51 16.13 -2.83 5.66
C TYR A 51 15.04 -1.77 5.89
N ASP A 52 15.23 -0.55 5.34
CA ASP A 52 14.27 0.57 5.40
C ASP A 52 13.91 0.96 3.98
N PRO A 53 12.70 0.59 3.47
CA PRO A 53 12.35 0.96 2.08
C PRO A 53 12.01 2.44 1.87
N THR A 54 11.94 3.22 2.97
CA THR A 54 11.63 4.67 2.97
C THR A 54 12.80 5.56 2.47
N ILE A 55 14.05 5.06 2.40
CA ILE A 55 15.22 5.86 1.98
C ILE A 55 15.68 5.61 0.50
N GLU A 56 16.40 6.60 -0.11
CA GLU A 56 16.90 6.54 -1.51
C GLU A 56 17.89 5.39 -1.78
N ASP A 57 18.76 5.08 -0.81
CA ASP A 57 19.77 4.01 -0.92
C ASP A 57 19.17 2.61 -1.02
N SER A 58 17.87 2.44 -0.68
CA SER A 58 17.21 1.15 -0.68
C SER A 58 16.84 0.64 -2.10
N TYR A 59 16.82 1.54 -3.10
CA TYR A 59 16.54 1.16 -4.50
C TYR A 59 17.65 1.59 -5.49
N ARG A 60 18.71 2.24 -5.00
CA ARG A 60 19.85 2.69 -5.80
C ARG A 60 21.10 1.98 -5.33
N LYS A 61 21.90 1.47 -6.27
CA LYS A 61 23.10 0.72 -5.97
C LYS A 61 24.16 0.90 -7.04
N GLN A 62 25.35 1.36 -6.63
CA GLN A 62 26.51 1.45 -7.50
C GLN A 62 27.14 0.07 -7.55
N VAL A 63 27.41 -0.43 -8.74
CA VAL A 63 27.98 -1.76 -8.94
C VAL A 63 29.01 -1.70 -10.06
N VAL A 64 29.86 -2.73 -10.19
CA VAL A 64 30.82 -2.86 -11.29
C VAL A 64 30.45 -4.15 -12.01
N ILE A 65 30.19 -4.08 -13.31
CA ILE A 65 29.76 -5.21 -14.13
C ILE A 65 30.67 -5.25 -15.34
N ASP A 66 31.39 -6.38 -15.53
CA ASP A 66 32.34 -6.55 -16.64
C ASP A 66 33.38 -5.40 -16.69
N GLY A 67 33.86 -4.99 -15.51
CA GLY A 67 34.83 -3.91 -15.38
C GLY A 67 34.31 -2.49 -15.50
N GLU A 68 33.03 -2.31 -15.90
CA GLU A 68 32.41 -1.01 -16.07
C GLU A 68 31.47 -0.68 -14.90
N THR A 69 31.83 0.34 -14.12
CA THR A 69 31.07 0.88 -12.99
C THR A 69 29.80 1.56 -13.51
N CYS A 70 28.67 1.34 -12.81
CA CYS A 70 27.36 1.91 -13.20
C CYS A 70 26.44 1.99 -11.98
N LEU A 71 25.32 2.70 -12.10
CA LEU A 71 24.36 2.76 -11.01
C LEU A 71 23.06 2.07 -11.44
N LEU A 72 22.51 1.23 -10.57
CA LEU A 72 21.25 0.54 -10.83
C LEU A 72 20.19 1.27 -10.05
N ASP A 73 19.11 1.69 -10.73
CA ASP A 73 17.94 2.33 -10.13
C ASP A 73 16.83 1.28 -10.37
N ILE A 74 16.38 0.63 -9.30
CA ILE A 74 15.46 -0.49 -9.38
C ILE A 74 14.09 -0.10 -8.90
N LEU A 75 13.08 -0.26 -9.76
CA LEU A 75 11.69 -0.02 -9.37
C LEU A 75 10.98 -1.35 -9.12
N ASP A 76 10.59 -1.59 -7.88
CA ASP A 76 9.83 -2.76 -7.48
C ASP A 76 8.63 -2.25 -6.71
N THR A 77 7.44 -2.34 -7.31
CA THR A 77 6.18 -1.89 -6.68
C THR A 77 5.46 -3.04 -5.97
N ALA A 78 6.23 -4.00 -5.46
CA ALA A 78 5.70 -5.15 -4.75
C ALA A 78 4.63 -4.69 -3.73
N GLY A 79 3.42 -5.28 -3.82
CA GLY A 79 2.27 -4.96 -2.97
C GLY A 79 1.22 -4.09 -3.65
N GLN A 80 1.53 -3.55 -4.84
CA GLN A 80 0.61 -2.70 -5.62
C GLN A 80 0.05 -3.41 -6.85
N GLU A 81 0.01 -4.75 -6.82
CA GLU A 81 -0.46 -5.53 -7.96
C GLU A 81 -1.92 -5.28 -8.30
N GLU A 82 -2.76 -4.95 -7.32
CA GLU A 82 -4.18 -4.63 -7.55
C GLU A 82 -4.39 -3.34 -8.33
N TYR A 83 -3.42 -2.45 -8.32
CA TYR A 83 -3.47 -1.24 -9.12
C TYR A 83 -3.05 -1.65 -10.53
N SER A 84 -3.86 -2.49 -11.19
CA SER A 84 -3.53 -3.05 -12.52
C SER A 84 -3.52 -2.04 -13.68
N ALA A 85 -4.14 -0.86 -13.51
CA ALA A 85 -4.13 0.17 -14.52
C ALA A 85 -2.95 1.17 -14.37
N MET A 86 -2.00 0.93 -13.45
CA MET A 86 -0.82 1.80 -13.23
C MET A 86 0.51 1.22 -13.76
N ARG A 87 0.53 0.01 -14.31
CA ARG A 87 1.79 -0.62 -14.75
C ARG A 87 2.47 0.06 -15.93
N ASP A 88 1.69 0.52 -16.94
CA ASP A 88 2.22 1.15 -18.17
C ASP A 88 3.07 2.35 -17.89
N GLN A 89 2.64 3.17 -16.91
CA GLN A 89 3.40 4.36 -16.51
C GLN A 89 4.83 3.92 -16.00
N TYR A 90 4.89 2.87 -15.14
CA TYR A 90 6.17 2.30 -14.62
C TYR A 90 7.01 1.69 -15.77
N MET A 91 6.38 0.81 -16.60
CA MET A 91 7.05 0.10 -17.70
C MET A 91 7.64 0.97 -18.80
N ARG A 92 7.02 2.12 -19.16
CA ARG A 92 7.56 2.95 -20.27
C ARG A 92 8.96 3.54 -20.01
N THR A 93 9.21 4.01 -18.78
CA THR A 93 10.51 4.59 -18.41
C THR A 93 11.63 3.52 -18.30
N GLY A 94 11.28 2.34 -17.74
CA GLY A 94 12.21 1.24 -17.53
C GLY A 94 13.01 0.86 -18.74
N GLU A 95 14.32 0.66 -18.58
CA GLU A 95 15.20 0.25 -19.69
C GLU A 95 15.28 -1.28 -19.80
N GLY A 96 15.18 -1.96 -18.67
CA GLY A 96 15.24 -3.41 -18.58
C GLY A 96 14.30 -3.94 -17.54
N PHE A 97 13.85 -5.19 -17.74
CA PHE A 97 12.85 -5.83 -16.88
C PHE A 97 13.27 -7.18 -16.34
N LEU A 98 12.92 -7.45 -15.07
CA LEU A 98 13.07 -8.73 -14.44
C LEU A 98 11.68 -9.25 -14.26
N CYS A 99 11.31 -10.28 -15.01
CA CYS A 99 9.99 -10.90 -14.92
C CYS A 99 10.13 -12.04 -13.98
N VAL A 100 9.62 -11.86 -12.77
CA VAL A 100 9.80 -12.77 -11.65
C VAL A 100 8.60 -13.64 -11.36
N PHE A 101 8.85 -14.95 -11.16
CA PHE A 101 7.81 -15.89 -10.75
C PHE A 101 8.37 -16.73 -9.63
N ALA A 102 7.49 -17.34 -8.80
CA ALA A 102 7.93 -18.26 -7.73
C ALA A 102 7.90 -19.72 -8.23
N ILE A 103 9.02 -20.48 -8.06
CA ILE A 103 9.12 -21.88 -8.54
C ILE A 103 8.13 -22.85 -7.82
N ASN A 104 7.51 -22.41 -6.73
CA ASN A 104 6.50 -23.14 -5.98
C ASN A 104 5.05 -22.65 -6.33
N ASN A 105 4.87 -21.80 -7.35
CA ASN A 105 3.56 -21.27 -7.67
C ASN A 105 3.39 -21.22 -9.17
N THR A 106 2.62 -22.16 -9.75
CA THR A 106 2.43 -22.23 -11.20
C THR A 106 1.68 -21.05 -11.78
N LYS A 107 0.71 -20.47 -11.07
CA LYS A 107 -0.04 -19.33 -11.59
C LYS A 107 0.92 -18.15 -11.83
N SER A 108 1.87 -17.91 -10.90
CA SER A 108 2.88 -16.88 -11.05
C SER A 108 3.75 -17.15 -12.27
N PHE A 109 4.07 -18.42 -12.56
CA PHE A 109 4.78 -18.79 -13.80
C PHE A 109 3.90 -18.47 -15.04
N GLU A 110 2.63 -18.89 -15.01
CA GLU A 110 1.65 -18.62 -16.11
C GLU A 110 1.33 -17.14 -16.32
N ASP A 111 1.36 -16.30 -15.26
CA ASP A 111 1.14 -14.85 -15.38
C ASP A 111 2.20 -14.12 -16.21
N ILE A 112 3.43 -14.68 -16.30
CA ILE A 112 4.55 -14.08 -17.04
C ILE A 112 4.19 -13.66 -18.47
N HIS A 113 3.47 -14.50 -19.20
CA HIS A 113 3.15 -14.22 -20.59
C HIS A 113 2.47 -12.86 -20.77
N GLN A 114 1.49 -12.51 -19.91
CA GLN A 114 0.77 -11.24 -19.99
C GLN A 114 1.63 -10.10 -19.59
N TYR A 115 2.50 -10.30 -18.63
CA TYR A 115 3.47 -9.29 -18.20
C TYR A 115 4.40 -8.92 -19.33
N ARG A 116 4.96 -9.92 -20.02
CA ARG A 116 5.85 -9.64 -21.16
C ARG A 116 5.10 -8.93 -22.26
N GLU A 117 3.88 -9.38 -22.56
CA GLU A 117 3.01 -8.77 -23.56
C GLU A 117 2.77 -7.30 -23.28
N GLN A 118 2.44 -6.95 -22.03
CA GLN A 118 2.25 -5.56 -21.66
C GLN A 118 3.52 -4.79 -21.86
N ILE A 119 4.69 -5.37 -21.48
CA ILE A 119 5.97 -4.66 -21.66
C ILE A 119 6.22 -4.37 -23.15
N LYS A 120 5.95 -5.33 -24.02
CA LYS A 120 6.11 -5.15 -25.49
C LYS A 120 5.16 -4.10 -26.04
N ARG A 121 3.93 -4.11 -25.56
CA ARG A 121 2.94 -3.14 -25.97
C ARG A 121 3.34 -1.73 -25.58
N VAL A 122 3.75 -1.53 -24.33
CA VAL A 122 4.16 -0.22 -23.83
C VAL A 122 5.41 0.27 -24.57
N LYS A 123 6.40 -0.61 -24.76
CA LYS A 123 7.65 -0.23 -25.39
C LYS A 123 7.55 -0.22 -26.88
N ASP A 124 6.48 -0.80 -27.45
CA ASP A 124 6.22 -0.88 -28.90
C ASP A 124 7.41 -1.58 -29.59
N SER A 125 7.79 -2.75 -29.02
CA SER A 125 8.93 -3.51 -29.50
C SER A 125 8.88 -4.95 -29.06
N ASP A 126 9.37 -5.85 -29.90
CA ASP A 126 9.42 -7.27 -29.59
C ASP A 126 10.76 -7.60 -28.95
N ASP A 127 11.76 -6.72 -29.08
CA ASP A 127 13.08 -6.94 -28.51
C ASP A 127 13.29 -5.92 -27.40
N VAL A 128 12.88 -6.28 -26.17
CA VAL A 128 13.03 -5.44 -24.97
C VAL A 128 14.04 -6.14 -24.01
N PRO A 129 15.05 -5.42 -23.45
CA PRO A 129 15.97 -6.08 -22.50
C PRO A 129 15.18 -6.61 -21.29
N MET A 130 15.17 -7.93 -21.18
CA MET A 130 14.35 -8.67 -20.24
C MET A 130 15.05 -9.93 -19.78
N VAL A 131 14.77 -10.28 -18.55
CA VAL A 131 15.32 -11.47 -17.95
C VAL A 131 14.18 -12.19 -17.22
N LEU A 132 14.08 -13.52 -17.37
CA LEU A 132 13.09 -14.31 -16.64
C LEU A 132 13.77 -14.79 -15.36
N VAL A 133 13.13 -14.63 -14.19
CA VAL A 133 13.70 -15.04 -12.93
C VAL A 133 12.76 -16.00 -12.18
N GLY A 134 13.27 -17.19 -11.86
CA GLY A 134 12.59 -18.19 -11.05
C GLY A 134 13.07 -18.05 -9.63
N ASN A 135 12.19 -17.66 -8.73
CA ASN A 135 12.59 -17.40 -7.35
C ASN A 135 12.16 -18.52 -6.39
N LYS A 136 13.13 -19.08 -5.64
CA LYS A 136 12.88 -20.10 -4.63
C LYS A 136 12.69 -19.31 -3.33
N CYS A 137 11.41 -18.97 -3.04
CA CYS A 137 11.01 -18.10 -1.92
C CYS A 137 10.77 -18.83 -0.58
N ASP A 138 10.77 -20.20 -0.55
CA ASP A 138 10.60 -20.94 0.70
C ASP A 138 10.89 -22.44 0.54
N LEU A 139 10.81 -23.19 1.67
CA LEU A 139 11.01 -24.64 1.70
C LEU A 139 9.82 -25.44 1.10
N ALA A 140 8.67 -24.81 0.74
CA ALA A 140 7.54 -25.52 0.11
C ALA A 140 7.96 -26.17 -1.23
N ALA A 141 7.24 -27.23 -1.65
CA ALA A 141 7.58 -27.99 -2.84
C ALA A 141 7.60 -27.20 -4.15
N ARG A 142 8.58 -27.53 -5.00
CA ARG A 142 8.73 -26.96 -6.33
C ARG A 142 7.66 -27.55 -7.23
N THR A 143 6.98 -26.69 -7.98
CA THR A 143 5.95 -27.05 -8.96
C THR A 143 6.36 -26.60 -10.35
N VAL A 144 7.35 -25.69 -10.48
CA VAL A 144 7.84 -25.24 -11.77
C VAL A 144 9.28 -25.79 -11.91
N GLU A 145 9.47 -26.72 -12.84
CA GLU A 145 10.78 -27.32 -13.10
C GLU A 145 11.61 -26.40 -13.96
N SER A 146 12.91 -26.39 -13.72
CA SER A 146 13.83 -25.53 -14.46
C SER A 146 13.69 -25.67 -15.97
N ARG A 147 13.43 -26.91 -16.51
CA ARG A 147 13.33 -27.13 -17.96
C ARG A 147 12.14 -26.39 -18.57
N GLN A 148 11.00 -26.29 -17.84
CA GLN A 148 9.81 -25.54 -18.28
C GLN A 148 10.14 -24.04 -18.42
N ALA A 149 10.84 -23.49 -17.43
CA ALA A 149 11.23 -22.08 -17.41
C ALA A 149 12.28 -21.81 -18.47
N GLN A 150 13.25 -22.72 -18.63
CA GLN A 150 14.28 -22.58 -19.68
C GLN A 150 13.61 -22.59 -21.07
N ASP A 151 12.59 -23.46 -21.27
CA ASP A 151 11.86 -23.52 -22.53
C ASP A 151 11.09 -22.25 -22.80
N LEU A 152 10.41 -21.74 -21.74
CA LEU A 152 9.67 -20.50 -21.87
C LEU A 152 10.61 -19.38 -22.23
N ALA A 153 11.75 -19.30 -21.53
CA ALA A 153 12.72 -18.25 -21.78
C ALA A 153 13.29 -18.31 -23.18
N ARG A 154 13.58 -19.52 -23.68
CA ARG A 154 14.11 -19.72 -25.02
C ARG A 154 13.08 -19.30 -26.07
N SER A 155 11.78 -19.60 -25.87
CA SER A 155 10.70 -19.18 -26.78
C SER A 155 10.54 -17.63 -26.92
N TYR A 156 10.94 -16.87 -25.88
CA TYR A 156 10.93 -15.38 -25.86
C TYR A 156 12.26 -14.81 -26.31
N GLY A 157 13.28 -15.67 -26.37
CA GLY A 157 14.63 -15.24 -26.70
C GLY A 157 15.28 -14.46 -25.58
N ILE A 158 15.07 -14.88 -24.32
CA ILE A 158 15.66 -14.15 -23.18
C ILE A 158 16.38 -15.07 -22.22
N PRO A 159 17.25 -14.54 -21.36
CA PRO A 159 17.89 -15.42 -20.36
C PRO A 159 16.96 -15.85 -19.23
N TYR A 160 17.29 -17.00 -18.62
CA TYR A 160 16.62 -17.52 -17.45
C TYR A 160 17.60 -17.60 -16.28
N ILE A 161 17.22 -17.12 -15.07
CA ILE A 161 18.10 -17.20 -13.88
C ILE A 161 17.26 -17.62 -12.68
N GLU A 162 17.67 -18.66 -11.95
CA GLU A 162 16.99 -19.02 -10.72
C GLU A 162 17.74 -18.43 -9.54
N THR A 163 17.00 -17.96 -8.55
CA THR A 163 17.55 -17.34 -7.38
C THR A 163 16.91 -17.98 -6.16
N SER A 164 17.58 -17.83 -5.01
CA SER A 164 17.07 -18.28 -3.72
C SER A 164 16.85 -17.02 -2.87
N ALA A 165 15.63 -16.85 -2.26
CA ALA A 165 15.35 -15.69 -1.38
C ALA A 165 16.09 -15.84 -0.04
N LYS A 166 16.35 -17.07 0.37
CA LYS A 166 17.00 -17.32 1.64
C LYS A 166 18.55 -17.13 1.66
N THR A 167 19.27 -17.52 0.58
CA THR A 167 20.72 -17.60 0.52
C THR A 167 21.42 -16.59 -0.34
N ARG A 168 20.66 -15.76 -1.07
CA ARG A 168 21.17 -14.77 -2.01
C ARG A 168 21.76 -15.39 -3.28
N GLN A 169 21.69 -16.73 -3.47
CA GLN A 169 22.24 -17.38 -4.67
C GLN A 169 21.45 -16.96 -5.93
N GLY A 170 22.19 -16.58 -6.96
CA GLY A 170 21.61 -16.13 -8.23
C GLY A 170 21.14 -14.71 -8.33
N VAL A 171 21.05 -13.97 -7.22
CA VAL A 171 20.52 -12.62 -7.20
C VAL A 171 21.35 -11.68 -8.05
N GLU A 172 22.66 -11.65 -7.78
CA GLU A 172 23.60 -10.77 -8.50
C GLU A 172 23.62 -11.13 -10.00
N ASP A 173 23.55 -12.44 -10.33
CA ASP A 173 23.53 -12.92 -11.72
C ASP A 173 22.27 -12.47 -12.44
N ALA A 174 21.13 -12.44 -11.76
CA ALA A 174 19.86 -11.99 -12.37
C ALA A 174 19.94 -10.54 -12.83
N PHE A 175 20.37 -9.67 -11.91
CA PHE A 175 20.52 -8.23 -12.20
C PHE A 175 21.65 -7.92 -13.17
N TYR A 176 22.79 -8.57 -13.05
CA TYR A 176 23.94 -8.34 -13.94
C TYR A 176 23.63 -8.82 -15.34
N THR A 177 22.97 -9.98 -15.47
CA THR A 177 22.57 -10.50 -16.77
C THR A 177 21.68 -9.52 -17.49
N LEU A 178 20.81 -8.81 -16.75
CA LEU A 178 19.92 -7.81 -17.32
C LEU A 178 20.68 -6.59 -17.80
N VAL A 179 21.66 -6.11 -17.03
CA VAL A 179 22.47 -4.95 -17.44
C VAL A 179 23.21 -5.29 -18.74
N ARG A 180 23.75 -6.53 -18.87
CA ARG A 180 24.41 -7.01 -20.09
C ARG A 180 23.41 -7.05 -21.23
N GLU A 181 22.16 -7.43 -20.95
CA GLU A 181 21.12 -7.43 -21.98
C GLU A 181 20.86 -6.01 -22.50
N ILE A 182 20.85 -5.02 -21.62
CA ILE A 182 20.66 -3.61 -22.01
C ILE A 182 21.89 -3.11 -22.81
N ARG A 183 23.10 -3.37 -22.30
CA ARG A 183 24.35 -2.96 -22.98
C ARG A 183 24.47 -3.51 -24.41
N GLN A 184 24.01 -4.74 -24.63
CA GLN A 184 24.00 -5.38 -25.95
C GLN A 184 22.73 -5.09 -26.75
N HIS A 185 21.85 -4.21 -26.27
CA HIS A 185 20.64 -3.93 -27.02
C HIS A 185 20.95 -3.12 -28.30
N GLN B 4 16.83 -0.74 45.73
CA GLN B 4 16.37 -1.79 44.83
C GLN B 4 15.38 -2.70 45.55
N MET B 5 14.21 -2.97 44.93
CA MET B 5 13.16 -3.81 45.50
C MET B 5 13.51 -5.29 45.40
N ARG B 6 12.84 -6.11 46.23
CA ARG B 6 12.99 -7.55 46.25
C ARG B 6 11.74 -8.13 45.55
N LEU B 7 11.95 -8.79 44.41
CA LEU B 7 10.88 -9.35 43.58
C LEU B 7 10.93 -10.88 43.73
N PRO B 8 9.80 -11.60 43.50
CA PRO B 8 9.84 -13.08 43.62
C PRO B 8 10.78 -13.79 42.63
N SER B 9 10.92 -15.11 42.81
CA SER B 9 11.80 -15.90 41.93
C SER B 9 11.08 -16.17 40.61
N ALA B 10 11.86 -16.40 39.55
CA ALA B 10 11.33 -16.71 38.21
C ALA B 10 10.48 -17.99 38.20
N ASP B 11 10.79 -18.97 39.10
CA ASP B 11 10.05 -20.24 39.25
C ASP B 11 8.57 -20.01 39.59
N VAL B 12 8.28 -18.94 40.36
CA VAL B 12 6.93 -18.58 40.81
C VAL B 12 6.33 -17.43 39.99
N TYR B 13 7.17 -16.54 39.42
CA TYR B 13 6.71 -15.37 38.64
C TYR B 13 7.73 -15.04 37.54
N ARG B 14 7.45 -15.47 36.29
CA ARG B 14 8.34 -15.30 35.12
C ARG B 14 8.77 -13.86 34.83
N PHE B 15 7.91 -12.88 35.13
CA PHE B 15 8.19 -11.46 34.89
C PHE B 15 9.24 -10.87 35.84
N ALA B 16 9.60 -11.56 36.94
CA ALA B 16 10.64 -11.12 37.86
C ALA B 16 12.06 -11.44 37.33
N GLU B 17 12.20 -12.26 36.26
CA GLU B 17 13.51 -12.59 35.71
C GLU B 17 14.20 -11.28 35.30
N PRO B 18 15.46 -11.02 35.70
CA PRO B 18 16.09 -9.74 35.35
C PRO B 18 16.48 -9.56 33.88
N ASP B 19 16.66 -8.30 33.48
CA ASP B 19 17.07 -7.95 32.12
C ASP B 19 18.48 -8.46 31.84
N SER B 20 18.70 -8.88 30.59
CA SER B 20 20.01 -9.32 30.11
C SER B 20 20.05 -9.23 28.58
N GLU B 21 21.25 -9.35 28.00
CA GLU B 21 21.45 -9.35 26.55
C GLU B 21 20.78 -10.58 25.88
N GLU B 22 20.45 -11.63 26.66
CA GLU B 22 19.78 -12.84 26.19
C GLU B 22 18.25 -12.72 26.12
N ASN B 23 17.66 -11.69 26.77
CA ASN B 23 16.20 -11.57 26.81
C ASN B 23 15.65 -10.17 26.41
N ILE B 24 16.49 -9.13 26.29
CA ILE B 24 15.99 -7.80 25.94
C ILE B 24 17.12 -6.91 25.45
N ILE B 25 16.85 -6.16 24.38
CA ILE B 25 17.81 -5.22 23.79
C ILE B 25 17.08 -3.95 23.39
N PHE B 26 17.83 -2.86 23.33
CA PHE B 26 17.29 -1.54 23.09
C PHE B 26 18.04 -0.86 21.99
N GLU B 27 17.38 0.16 21.41
CA GLU B 27 17.97 1.04 20.41
C GLU B 27 18.83 2.01 21.21
N GLU B 28 19.76 2.69 20.52
CA GLU B 28 20.65 3.66 21.15
C GLU B 28 19.89 4.96 21.57
N ASN B 29 18.82 5.33 20.83
CA ASN B 29 18.00 6.51 21.15
C ASN B 29 16.84 6.23 22.12
N MET B 30 16.25 7.31 22.67
CA MET B 30 15.11 7.30 23.60
C MET B 30 13.88 7.81 22.87
N GLN B 31 12.69 7.50 23.42
CA GLN B 31 11.41 7.99 22.88
C GLN B 31 11.50 9.52 22.88
N PRO B 32 11.36 10.17 21.69
CA PRO B 32 11.64 11.63 21.60
C PRO B 32 10.93 12.55 22.61
N LYS B 33 9.61 12.33 22.86
CA LYS B 33 8.81 13.15 23.79
C LYS B 33 8.77 12.58 25.22
N ALA B 34 9.20 11.32 25.46
CA ALA B 34 9.05 10.68 26.78
C ALA B 34 10.34 10.35 27.55
N GLY B 35 11.51 10.34 26.90
CA GLY B 35 12.78 9.99 27.54
C GLY B 35 12.87 8.54 28.01
N ILE B 36 11.99 7.69 27.47
CA ILE B 36 11.88 6.27 27.79
C ILE B 36 12.73 5.52 26.77
N PRO B 37 13.40 4.42 27.13
CA PRO B 37 14.19 3.68 26.11
C PRO B 37 13.30 3.05 25.05
N ILE B 38 13.81 2.92 23.85
CA ILE B 38 13.11 2.28 22.75
C ILE B 38 13.57 0.82 22.68
N ILE B 39 12.64 -0.12 22.89
CA ILE B 39 12.95 -1.56 22.81
C ILE B 39 13.15 -1.96 21.36
N LYS B 40 14.25 -2.66 21.08
CA LYS B 40 14.63 -3.17 19.76
C LYS B 40 14.11 -4.61 19.58
N ALA B 41 14.30 -5.44 20.63
CA ALA B 41 13.89 -6.83 20.64
C ALA B 41 13.88 -7.41 22.04
N GLY B 42 13.08 -8.44 22.23
CA GLY B 42 13.01 -9.13 23.49
C GLY B 42 12.17 -10.37 23.37
N THR B 43 12.11 -11.16 24.43
CA THR B 43 11.27 -12.37 24.49
C THR B 43 9.86 -11.86 24.76
N VAL B 44 8.86 -12.68 24.51
CA VAL B 44 7.48 -12.27 24.72
C VAL B 44 7.23 -11.89 26.18
N ILE B 45 7.78 -12.67 27.14
CA ILE B 45 7.68 -12.37 28.58
C ILE B 45 8.25 -10.97 28.90
N LYS B 46 9.42 -10.64 28.34
CA LYS B 46 10.03 -9.30 28.49
C LYS B 46 9.24 -8.18 27.79
N LEU B 47 8.65 -8.44 26.59
CA LEU B 47 7.83 -7.44 25.90
C LEU B 47 6.55 -7.22 26.74
N ILE B 48 6.02 -8.29 27.34
CA ILE B 48 4.83 -8.18 28.20
C ILE B 48 5.16 -7.41 29.49
N GLU B 49 6.35 -7.63 30.06
CA GLU B 49 6.79 -6.91 31.24
C GLU B 49 6.84 -5.41 30.96
N ARG B 50 7.51 -4.99 29.87
CA ARG B 50 7.66 -3.58 29.50
C ARG B 50 6.36 -2.91 29.04
N LEU B 51 5.36 -3.70 28.61
CA LEU B 51 4.04 -3.24 28.20
C LEU B 51 3.24 -2.77 29.41
N THR B 52 3.52 -3.40 30.58
CA THR B 52 2.88 -3.15 31.86
C THR B 52 3.98 -2.89 32.92
N TYR B 53 4.95 -2.03 32.58
CA TYR B 53 6.11 -1.77 33.45
C TYR B 53 5.74 -0.94 34.69
N HIS B 54 6.34 -1.28 35.83
CA HIS B 54 6.05 -0.57 37.09
C HIS B 54 6.66 0.84 37.16
N MET B 55 7.89 1.05 36.66
CA MET B 55 8.57 2.36 36.71
C MET B 55 7.85 3.51 35.99
N TYR B 56 7.20 3.23 34.86
CA TYR B 56 6.48 4.26 34.09
C TYR B 56 5.49 3.66 33.08
N ALA B 57 4.63 4.51 32.55
CA ALA B 57 3.66 4.18 31.51
C ALA B 57 4.35 4.42 30.18
N ASP B 58 4.07 3.57 29.19
CA ASP B 58 4.71 3.59 27.88
C ASP B 58 3.62 3.51 26.80
N PRO B 59 2.82 4.58 26.65
CA PRO B 59 1.71 4.55 25.67
C PRO B 59 2.11 4.27 24.22
N ASN B 60 3.29 4.70 23.78
CA ASN B 60 3.74 4.46 22.40
C ASN B 60 4.00 2.99 22.16
N PHE B 61 4.57 2.32 23.15
CA PHE B 61 4.87 0.89 23.06
C PHE B 61 3.55 0.09 23.07
N VAL B 62 2.59 0.49 23.93
CA VAL B 62 1.27 -0.13 24.08
C VAL B 62 0.50 -0.05 22.76
N ARG B 63 0.51 1.12 22.17
CA ARG B 63 -0.18 1.38 20.93
C ARG B 63 0.42 0.52 19.79
N THR B 64 1.77 0.53 19.66
CA THR B 64 2.53 -0.25 18.66
C THR B 64 2.33 -1.71 18.81
N PHE B 65 2.53 -2.21 20.04
CA PHE B 65 2.39 -3.61 20.41
C PHE B 65 1.02 -4.13 20.04
N LEU B 66 -0.05 -3.42 20.44
CA LEU B 66 -1.41 -3.92 20.19
C LEU B 66 -1.81 -3.91 18.72
N THR B 67 -1.21 -3.02 17.93
CA THR B 67 -1.43 -2.96 16.48
C THR B 67 -0.70 -4.12 15.79
N THR B 68 0.50 -4.53 16.28
CA THR B 68 1.36 -5.48 15.58
C THR B 68 1.71 -6.81 16.24
N TYR B 69 1.15 -7.14 17.39
CA TYR B 69 1.56 -8.34 18.12
C TYR B 69 1.17 -9.68 17.51
N ARG B 70 0.15 -9.72 16.64
CA ARG B 70 -0.43 -10.96 16.12
C ARG B 70 0.54 -11.80 15.29
N SER B 71 1.63 -11.21 14.76
CA SER B 71 2.67 -11.99 14.06
C SER B 71 3.46 -12.91 15.00
N PHE B 72 3.69 -12.48 16.26
CA PHE B 72 4.49 -13.25 17.22
C PHE B 72 3.71 -13.81 18.42
N CYS B 73 2.44 -13.43 18.63
CA CYS B 73 1.67 -13.90 19.77
C CYS B 73 0.20 -13.91 19.38
N LYS B 74 -0.53 -14.97 19.70
CA LYS B 74 -1.95 -15.06 19.36
C LYS B 74 -2.76 -14.24 20.38
N PRO B 75 -3.92 -13.65 20.00
CA PRO B 75 -4.75 -12.91 21.00
C PRO B 75 -5.04 -13.69 22.28
N GLN B 76 -5.32 -14.99 22.13
CA GLN B 76 -5.63 -15.89 23.25
C GLN B 76 -4.39 -16.01 24.16
N GLU B 77 -3.18 -16.15 23.55
CA GLU B 77 -1.93 -16.20 24.32
C GLU B 77 -1.63 -14.87 25.03
N LEU B 78 -1.94 -13.72 24.38
CA LEU B 78 -1.70 -12.39 24.97
C LEU B 78 -2.55 -12.21 26.24
N LEU B 79 -3.84 -12.57 26.18
CA LEU B 79 -4.74 -12.49 27.33
C LEU B 79 -4.23 -13.33 28.50
N SER B 80 -3.66 -14.52 28.22
CA SER B 80 -3.11 -15.40 29.25
C SER B 80 -1.90 -14.75 29.92
N LEU B 81 -0.98 -14.24 29.11
CA LEU B 81 0.21 -13.50 29.56
C LEU B 81 -0.15 -12.27 30.41
N ILE B 82 -1.21 -11.53 30.08
CA ILE B 82 -1.54 -10.32 30.86
C ILE B 82 -2.31 -10.67 32.17
N ILE B 83 -3.01 -11.81 32.19
CA ILE B 83 -3.71 -12.34 33.37
C ILE B 83 -2.61 -12.82 34.34
N GLU B 84 -1.62 -13.54 33.79
CA GLU B 84 -0.47 -14.06 34.52
C GLU B 84 0.33 -12.91 35.17
N ARG B 85 0.54 -11.82 34.41
CA ARG B 85 1.22 -10.60 34.83
C ARG B 85 0.47 -9.91 36.00
N PHE B 86 -0.86 -9.90 35.97
CA PHE B 86 -1.68 -9.29 37.02
C PHE B 86 -1.60 -10.10 38.33
N GLU B 87 -1.59 -11.45 38.22
CA GLU B 87 -1.54 -12.37 39.35
C GLU B 87 -0.13 -12.38 39.95
N ILE B 88 0.15 -11.32 40.73
CA ILE B 88 1.47 -11.13 41.35
C ILE B 88 1.51 -11.81 42.73
N PRO B 89 2.45 -12.75 42.96
CA PRO B 89 2.53 -13.39 44.28
C PRO B 89 3.35 -12.58 45.29
N GLU B 111 9.33 -3.76 53.41
CA GLU B 111 9.42 -4.29 52.05
C GLU B 111 8.03 -4.63 51.45
N LEU B 112 7.23 -5.48 52.14
CA LEU B 112 5.89 -5.88 51.64
C LEU B 112 4.95 -4.70 51.36
N LYS B 113 5.00 -3.64 52.19
CA LYS B 113 4.13 -2.46 51.99
C LYS B 113 4.53 -1.63 50.78
N ARG B 114 5.84 -1.53 50.49
CA ARG B 114 6.34 -0.75 49.34
C ARG B 114 6.14 -1.57 48.03
N PHE B 115 6.22 -2.92 48.12
CA PHE B 115 6.01 -3.82 46.98
C PHE B 115 4.56 -3.74 46.50
N ARG B 116 3.61 -3.70 47.45
CA ARG B 116 2.18 -3.57 47.14
C ARG B 116 1.85 -2.23 46.46
N LYS B 117 2.58 -1.14 46.79
CA LYS B 117 2.31 0.20 46.25
C LYS B 117 3.20 0.64 45.04
N GLU B 118 4.46 0.13 44.96
CA GLU B 118 5.42 0.50 43.88
C GLU B 118 5.61 -0.58 42.77
N TYR B 119 5.04 -1.78 42.93
CA TYR B 119 5.12 -2.85 41.93
C TYR B 119 3.73 -3.41 41.62
N ILE B 120 3.02 -3.96 42.61
CA ILE B 120 1.70 -4.54 42.40
C ILE B 120 0.67 -3.53 41.90
N GLN B 121 0.45 -2.41 42.62
CA GLN B 121 -0.57 -1.44 42.17
C GLN B 121 -0.27 -0.84 40.78
N PRO B 122 0.94 -0.31 40.47
CA PRO B 122 1.21 0.19 39.11
C PRO B 122 1.01 -0.86 38.01
N VAL B 123 1.61 -2.07 38.16
CA VAL B 123 1.52 -3.18 37.19
C VAL B 123 0.07 -3.57 36.91
N GLN B 124 -0.72 -3.78 37.97
CA GLN B 124 -2.12 -4.17 37.83
C GLN B 124 -2.93 -3.10 37.10
N LEU B 125 -2.58 -1.81 37.28
CA LEU B 125 -3.25 -0.71 36.60
C LEU B 125 -2.80 -0.61 35.12
N ARG B 126 -1.54 -1.02 34.83
CA ARG B 126 -1.01 -0.98 33.46
C ARG B 126 -1.59 -2.15 32.67
N VAL B 127 -1.82 -3.31 33.31
CA VAL B 127 -2.50 -4.45 32.71
C VAL B 127 -3.92 -4.01 32.31
N LEU B 128 -4.62 -3.28 33.18
CA LEU B 128 -5.99 -2.83 32.90
C LEU B 128 -6.04 -1.77 31.80
N ASN B 129 -4.99 -0.94 31.70
CA ASN B 129 -4.84 0.07 30.65
C ASN B 129 -4.69 -0.63 29.28
N VAL B 130 -3.94 -1.76 29.25
CA VAL B 130 -3.71 -2.61 28.07
C VAL B 130 -5.05 -3.23 27.67
N CYS B 131 -5.79 -3.79 28.66
CA CYS B 131 -7.12 -4.37 28.42
C CYS B 131 -8.01 -3.30 27.81
N ARG B 132 -8.03 -2.10 28.42
CA ARG B 132 -8.88 -0.98 27.98
C ARG B 132 -8.57 -0.53 26.56
N HIS B 133 -7.28 -0.40 26.24
CA HIS B 133 -6.81 0.00 24.90
C HIS B 133 -7.15 -1.06 23.82
N TRP B 134 -7.02 -2.35 24.18
CA TRP B 134 -7.29 -3.50 23.33
C TRP B 134 -8.75 -3.52 22.89
N VAL B 135 -9.66 -3.47 23.86
CA VAL B 135 -11.10 -3.48 23.60
C VAL B 135 -11.55 -2.21 22.86
N GLU B 136 -10.86 -1.08 23.07
CA GLU B 136 -11.23 0.19 22.43
C GLU B 136 -10.77 0.33 20.99
N HIS B 137 -9.49 0.02 20.70
CA HIS B 137 -8.89 0.21 19.38
C HIS B 137 -8.74 -1.05 18.54
N HIS B 138 -8.79 -2.25 19.17
CA HIS B 138 -8.64 -3.52 18.43
C HIS B 138 -9.71 -4.53 18.84
N PHE B 139 -10.98 -4.07 18.89
CA PHE B 139 -12.11 -4.93 19.26
C PHE B 139 -12.33 -6.09 18.27
N TYR B 140 -11.88 -5.96 17.01
CA TYR B 140 -11.97 -7.03 16.00
C TYR B 140 -11.44 -8.37 16.51
N ASP B 141 -10.43 -8.36 17.39
CA ASP B 141 -9.93 -9.59 18.02
C ASP B 141 -11.00 -10.32 18.81
N PHE B 142 -11.87 -9.56 19.49
CA PHE B 142 -12.96 -10.08 20.30
C PHE B 142 -14.11 -10.50 19.40
N GLU B 143 -14.45 -9.65 18.38
CA GLU B 143 -15.49 -9.96 17.37
C GLU B 143 -15.25 -11.31 16.64
N ARG B 144 -13.97 -11.61 16.39
CA ARG B 144 -13.54 -12.80 15.66
C ARG B 144 -13.36 -14.05 16.52
N ASP B 145 -13.24 -13.87 17.85
CA ASP B 145 -13.10 -14.98 18.78
C ASP B 145 -13.94 -14.66 20.00
N ALA B 146 -15.21 -15.09 20.00
CA ALA B 146 -16.14 -14.89 21.11
C ALA B 146 -15.61 -15.44 22.45
N TYR B 147 -14.78 -16.49 22.41
CA TYR B 147 -14.19 -17.04 23.64
C TYR B 147 -13.16 -16.07 24.20
N LEU B 148 -12.50 -15.25 23.35
CA LEU B 148 -11.51 -14.27 23.83
C LEU B 148 -12.22 -13.27 24.72
N LEU B 149 -13.40 -12.79 24.28
CA LEU B 149 -14.23 -11.85 25.03
C LEU B 149 -14.83 -12.52 26.30
N GLN B 150 -15.19 -13.83 26.19
CA GLN B 150 -15.68 -14.59 27.34
C GLN B 150 -14.62 -14.49 28.45
N ARG B 151 -13.35 -14.77 28.10
CA ARG B 151 -12.22 -14.72 29.03
C ARG B 151 -11.88 -13.30 29.52
N MET B 152 -12.10 -12.26 28.70
CA MET B 152 -11.80 -10.88 29.11
C MET B 152 -12.80 -10.49 30.20
N GLU B 153 -14.10 -10.75 29.96
CA GLU B 153 -15.18 -10.49 30.92
C GLU B 153 -14.99 -11.27 32.23
N GLU B 154 -14.52 -12.54 32.13
CA GLU B 154 -14.25 -13.41 33.30
C GLU B 154 -13.14 -12.80 34.14
N PHE B 155 -12.01 -12.48 33.49
CA PHE B 155 -10.86 -11.84 34.15
C PHE B 155 -11.26 -10.49 34.74
N ILE B 156 -11.92 -9.64 33.96
CA ILE B 156 -12.35 -8.32 34.43
C ILE B 156 -13.28 -8.42 35.66
N GLY B 157 -14.06 -9.51 35.77
CA GLY B 157 -14.92 -9.77 36.93
C GLY B 157 -14.11 -10.06 38.19
N THR B 158 -13.03 -10.87 38.07
CA THR B 158 -12.17 -11.21 39.22
C THR B 158 -11.32 -10.04 39.78
N VAL B 159 -11.32 -8.85 39.12
CA VAL B 159 -10.53 -7.70 39.57
C VAL B 159 -11.25 -7.04 40.75
N ARG B 160 -10.59 -7.00 41.92
CA ARG B 160 -11.15 -6.41 43.15
C ARG B 160 -10.20 -5.35 43.72
N GLY B 161 -10.76 -4.18 44.05
CA GLY B 161 -10.02 -3.07 44.62
C GLY B 161 -10.63 -1.72 44.27
N LYS B 162 -10.54 -0.74 45.19
CA LYS B 162 -11.07 0.60 44.96
C LYS B 162 -10.26 1.33 43.89
N ALA B 163 -8.94 1.09 43.86
CA ALA B 163 -8.03 1.67 42.85
C ALA B 163 -8.38 1.25 41.41
N MET B 164 -8.92 0.01 41.25
CA MET B 164 -9.27 -0.56 39.95
C MET B 164 -10.74 -0.42 39.56
N LYS B 165 -11.66 -0.27 40.55
CA LYS B 165 -13.11 -0.13 40.29
C LYS B 165 -13.44 0.89 39.19
N LYS B 166 -12.72 2.01 39.12
CA LYS B 166 -12.92 3.04 38.09
C LYS B 166 -12.54 2.51 36.69
N TRP B 167 -11.41 1.78 36.59
CA TRP B 167 -10.90 1.25 35.32
C TRP B 167 -11.67 -0.01 34.87
N VAL B 168 -12.15 -0.83 35.82
CA VAL B 168 -12.98 -2.02 35.56
C VAL B 168 -14.35 -1.61 34.97
N GLU B 169 -14.95 -0.52 35.49
CA GLU B 169 -16.23 -0.01 35.02
C GLU B 169 -16.11 0.63 33.64
N SER B 170 -14.93 1.14 33.29
CA SER B 170 -14.67 1.76 31.99
C SER B 170 -14.57 0.69 30.89
N ILE B 171 -13.88 -0.43 31.21
CA ILE B 171 -13.67 -1.56 30.30
C ILE B 171 -15.04 -2.16 29.95
N THR B 172 -15.87 -2.45 30.98
CA THR B 172 -17.22 -2.99 30.83
C THR B 172 -18.07 -2.09 29.94
N LYS B 173 -18.00 -0.76 30.14
CA LYS B 173 -18.77 0.21 29.34
C LYS B 173 -18.32 0.22 27.89
N ILE B 174 -16.99 0.08 27.62
CA ILE B 174 -16.48 0.04 26.25
C ILE B 174 -16.98 -1.27 25.57
N ILE B 175 -16.95 -2.40 26.29
CA ILE B 175 -17.35 -3.70 25.74
C ILE B 175 -18.80 -3.65 25.26
N GLN B 176 -19.72 -3.23 26.13
CA GLN B 176 -21.15 -3.11 25.81
C GLN B 176 -21.43 -2.13 24.66
N ARG B 177 -20.67 -1.05 24.57
CA ARG B 177 -20.79 -0.12 23.43
C ARG B 177 -20.37 -0.82 22.12
N LYS B 178 -19.23 -1.56 22.17
CA LYS B 178 -18.70 -2.27 21.02
C LYS B 178 -19.61 -3.44 20.61
N LYS B 179 -20.24 -4.10 21.59
CA LYS B 179 -21.17 -5.21 21.33
C LYS B 179 -22.46 -4.77 20.62
N ILE B 180 -22.90 -3.49 20.81
CA ILE B 180 -24.12 -2.95 20.17
C ILE B 180 -23.72 -1.92 19.09
N ALA B 181 -22.88 -2.37 18.12
CA ALA B 181 -22.43 -1.51 17.02
C ALA B 181 -23.52 -1.37 15.96
N PHE B 192 -19.18 18.74 10.54
CA PHE B 192 -19.08 19.63 11.69
C PHE B 192 -18.26 20.90 11.37
N GLN B 193 -18.68 21.64 10.30
CA GLN B 193 -18.03 22.88 9.83
C GLN B 193 -19.13 23.97 9.63
N SER B 194 -18.97 24.87 8.62
CA SER B 194 -19.96 25.86 8.16
C SER B 194 -20.61 25.26 6.88
N SER B 195 -21.29 26.07 6.04
CA SER B 195 -21.98 25.53 4.84
C SER B 195 -21.01 25.20 3.69
N PRO B 196 -21.14 24.00 3.08
CA PRO B 196 -20.29 23.67 1.93
C PRO B 196 -20.69 24.45 0.69
N PRO B 197 -19.83 24.45 -0.34
CA PRO B 197 -20.21 25.16 -1.57
C PRO B 197 -21.40 24.54 -2.31
N THR B 198 -22.00 25.34 -3.20
CA THR B 198 -23.18 24.95 -3.98
C THR B 198 -22.81 23.90 -5.01
N VAL B 199 -23.64 22.86 -5.14
CA VAL B 199 -23.46 21.76 -6.12
C VAL B 199 -23.48 22.39 -7.52
N GLU B 200 -22.48 22.09 -8.36
CA GLU B 200 -22.34 22.61 -9.70
C GLU B 200 -23.04 21.71 -10.70
N TRP B 201 -23.74 22.32 -11.69
CA TRP B 201 -24.47 21.58 -12.73
C TRP B 201 -24.13 22.11 -14.10
N HIS B 202 -24.06 21.23 -15.10
CA HIS B 202 -23.72 21.60 -16.47
C HIS B 202 -24.90 21.27 -17.43
N ILE B 203 -24.79 20.28 -18.34
CA ILE B 203 -25.87 19.96 -19.27
C ILE B 203 -26.97 19.15 -18.54
N SER B 204 -26.57 18.09 -17.80
CA SER B 204 -27.54 17.30 -17.02
C SER B 204 -28.02 18.15 -15.86
N ARG B 205 -29.32 18.11 -15.59
CA ARG B 205 -29.95 18.88 -14.53
C ARG B 205 -30.23 17.92 -13.36
N PRO B 206 -30.49 18.43 -12.13
CA PRO B 206 -30.76 17.53 -11.00
C PRO B 206 -31.87 16.52 -11.24
N GLY B 207 -31.62 15.26 -10.89
CA GLY B 207 -32.57 14.17 -11.05
C GLY B 207 -32.53 13.43 -12.38
N HIS B 208 -31.88 14.00 -13.41
CA HIS B 208 -31.80 13.41 -14.74
C HIS B 208 -30.57 12.52 -14.89
N ILE B 209 -30.58 11.45 -14.11
CA ILE B 209 -29.51 10.45 -14.04
C ILE B 209 -29.22 9.77 -15.37
N GLU B 210 -30.25 9.59 -16.17
CA GLU B 210 -30.22 8.91 -17.48
C GLU B 210 -29.21 9.59 -18.40
N THR B 211 -29.12 10.92 -18.33
CA THR B 211 -28.21 11.72 -19.14
C THR B 211 -26.77 11.91 -18.54
N PHE B 212 -26.52 11.50 -17.28
CA PHE B 212 -25.22 11.73 -16.63
C PHE B 212 -24.11 11.03 -17.38
N ASP B 213 -23.03 11.76 -17.63
CA ASP B 213 -21.87 11.23 -18.31
C ASP B 213 -20.69 12.19 -18.09
N LEU B 214 -19.51 11.83 -18.58
CA LEU B 214 -18.30 12.62 -18.43
C LEU B 214 -18.48 14.08 -18.87
N LEU B 215 -19.06 14.29 -20.03
CA LEU B 215 -19.21 15.65 -20.56
C LEU B 215 -20.51 16.38 -20.12
N THR B 216 -21.54 15.66 -19.57
CA THR B 216 -22.81 16.30 -19.20
C THR B 216 -22.88 16.76 -17.76
N LEU B 217 -22.13 16.10 -16.87
CA LEU B 217 -22.02 16.50 -15.47
C LEU B 217 -20.98 17.62 -15.44
N HIS B 218 -21.00 18.45 -14.39
CA HIS B 218 -20.05 19.55 -14.28
C HIS B 218 -18.66 18.99 -13.87
N PRO B 219 -17.56 19.36 -14.56
CA PRO B 219 -16.23 18.84 -14.17
C PRO B 219 -15.84 19.09 -12.72
N ILE B 220 -16.32 20.20 -12.11
CA ILE B 220 -16.05 20.48 -10.70
C ILE B 220 -16.76 19.44 -9.86
N GLU B 221 -18.00 19.15 -10.22
CA GLU B 221 -18.81 18.23 -9.43
C GLU B 221 -18.38 16.79 -9.56
N ILE B 222 -17.82 16.39 -10.71
CA ILE B 222 -17.30 15.04 -10.92
C ILE B 222 -16.17 14.85 -9.91
N ALA B 223 -15.25 15.82 -9.87
CA ALA B 223 -14.08 15.85 -9.02
C ALA B 223 -14.44 15.89 -7.52
N ARG B 224 -15.47 16.65 -7.14
CA ARG B 224 -15.93 16.72 -5.75
C ARG B 224 -16.56 15.43 -5.30
N GLN B 225 -17.48 14.91 -6.10
CA GLN B 225 -18.15 13.65 -5.77
C GLN B 225 -17.19 12.45 -5.76
N LEU B 226 -16.18 12.44 -6.67
CA LEU B 226 -15.15 11.39 -6.66
C LEU B 226 -14.24 11.54 -5.46
N THR B 227 -13.93 12.78 -5.04
CA THR B 227 -13.12 13.04 -3.85
C THR B 227 -13.84 12.58 -2.60
N LEU B 228 -15.16 12.83 -2.53
CA LEU B 228 -15.96 12.36 -1.42
C LEU B 228 -15.98 10.80 -1.33
N LEU B 229 -16.24 10.11 -2.45
CA LEU B 229 -16.22 8.64 -2.51
C LEU B 229 -14.88 8.06 -2.12
N GLU B 230 -13.81 8.62 -2.69
CA GLU B 230 -12.44 8.19 -2.45
C GLU B 230 -11.97 8.50 -1.05
N SER B 231 -12.44 9.62 -0.50
CA SER B 231 -12.14 10.04 0.89
C SER B 231 -12.75 9.06 1.85
N ASP B 232 -14.00 8.67 1.65
CA ASP B 232 -14.62 7.65 2.51
C ASP B 232 -13.99 6.26 2.32
N LEU B 233 -13.56 5.93 1.10
CA LEU B 233 -12.89 4.64 0.83
C LEU B 233 -11.54 4.57 1.54
N TYR B 234 -10.79 5.67 1.51
CA TYR B 234 -9.52 5.80 2.19
C TYR B 234 -9.69 5.65 3.73
N ARG B 235 -10.64 6.38 4.30
CA ARG B 235 -10.94 6.41 5.75
C ARG B 235 -11.40 5.06 6.33
N ALA B 236 -12.04 4.22 5.51
CA ALA B 236 -12.50 2.91 5.94
C ALA B 236 -11.40 1.87 6.03
N VAL B 237 -10.22 2.08 5.45
CA VAL B 237 -9.13 1.08 5.54
C VAL B 237 -8.56 1.07 6.99
N GLN B 238 -8.64 -0.09 7.68
CA GLN B 238 -8.11 -0.23 9.04
C GLN B 238 -6.76 -0.93 9.06
N PRO B 239 -5.95 -0.70 10.13
CA PRO B 239 -4.63 -1.34 10.19
C PRO B 239 -4.62 -2.87 10.12
N SER B 240 -5.66 -3.55 10.61
CA SER B 240 -5.81 -5.03 10.54
C SER B 240 -5.82 -5.60 9.09
N GLU B 241 -6.05 -4.73 8.08
CA GLU B 241 -6.00 -5.09 6.66
C GLU B 241 -4.57 -4.93 6.09
N LEU B 242 -3.66 -4.34 6.86
CA LEU B 242 -2.31 -3.98 6.42
C LEU B 242 -1.22 -4.71 7.16
N VAL B 243 -1.31 -4.77 8.49
CA VAL B 243 -0.28 -5.45 9.28
C VAL B 243 -0.21 -6.92 8.87
N GLY B 244 1.01 -7.43 8.69
CA GLY B 244 1.25 -8.78 8.22
C GLY B 244 1.12 -8.93 6.71
N SER B 245 0.99 -7.80 5.93
CA SER B 245 0.85 -7.82 4.47
C SER B 245 -0.29 -8.68 3.99
N VAL B 246 -1.40 -8.68 4.75
CA VAL B 246 -2.50 -9.63 4.51
C VAL B 246 -3.31 -9.37 3.23
N TRP B 247 -3.18 -8.17 2.64
CA TRP B 247 -3.85 -7.86 1.37
C TRP B 247 -3.20 -8.57 0.17
N THR B 248 -1.99 -9.16 0.34
CA THR B 248 -1.26 -9.88 -0.70
C THR B 248 -1.44 -11.42 -0.57
N LYS B 249 -2.00 -11.92 0.55
CA LYS B 249 -2.14 -13.33 0.84
C LYS B 249 -3.40 -13.92 0.27
N GLU B 250 -3.52 -15.24 0.29
CA GLU B 250 -4.71 -15.93 -0.29
C GLU B 250 -6.07 -15.49 0.31
N ASP B 251 -6.11 -15.07 1.58
CA ASP B 251 -7.34 -14.62 2.23
C ASP B 251 -7.53 -13.10 2.19
N LYS B 252 -6.86 -12.42 1.24
CA LYS B 252 -6.96 -10.95 1.08
C LYS B 252 -8.41 -10.45 1.01
N GLU B 253 -9.31 -11.23 0.39
CA GLU B 253 -10.72 -10.85 0.26
C GLU B 253 -11.43 -10.86 1.56
N ILE B 254 -11.01 -11.73 2.50
CA ILE B 254 -11.56 -11.80 3.86
C ILE B 254 -10.93 -10.74 4.78
N ASN B 255 -9.60 -10.56 4.70
CA ASN B 255 -8.86 -9.71 5.60
C ASN B 255 -8.70 -8.25 5.19
N SER B 256 -8.73 -7.93 3.90
CA SER B 256 -8.51 -6.56 3.43
C SER B 256 -9.62 -6.07 2.52
N PRO B 257 -10.90 -6.30 2.88
CA PRO B 257 -11.98 -5.91 1.99
C PRO B 257 -12.07 -4.43 1.66
N ASN B 258 -11.81 -3.56 2.63
CA ASN B 258 -11.92 -2.12 2.39
C ASN B 258 -10.78 -1.60 1.56
N LEU B 259 -9.58 -2.12 1.79
CA LEU B 259 -8.43 -1.72 0.97
C LEU B 259 -8.67 -2.10 -0.46
N LEU B 260 -9.09 -3.34 -0.69
CA LEU B 260 -9.39 -3.84 -2.02
C LEU B 260 -10.52 -3.09 -2.72
N LYS B 261 -11.61 -2.69 -2.01
CA LYS B 261 -12.68 -1.87 -2.64
C LYS B 261 -12.08 -0.50 -3.07
N MET B 262 -11.20 0.08 -2.23
CA MET B 262 -10.55 1.36 -2.57
C MET B 262 -9.62 1.19 -3.81
N ILE B 263 -8.81 0.13 -3.88
CA ILE B 263 -7.96 -0.08 -5.06
C ILE B 263 -8.82 -0.34 -6.34
N ARG B 264 -9.91 -1.11 -6.20
CA ARG B 264 -10.80 -1.41 -7.31
C ARG B 264 -11.54 -0.22 -7.86
N HIS B 265 -11.97 0.73 -6.99
CA HIS B 265 -12.62 1.98 -7.40
C HIS B 265 -11.63 2.74 -8.27
N THR B 266 -10.43 2.91 -7.73
CA THR B 266 -9.34 3.60 -8.40
C THR B 266 -9.06 3.03 -9.81
N THR B 267 -8.90 1.72 -9.89
CA THR B 267 -8.62 1.05 -11.16
C THR B 267 -9.77 1.29 -12.13
N ASN B 268 -11.01 1.15 -11.63
CA ASN B 268 -12.22 1.39 -12.40
C ASN B 268 -12.30 2.79 -12.97
N LEU B 269 -11.98 3.80 -12.17
CA LEU B 269 -12.01 5.17 -12.69
C LEU B 269 -10.97 5.40 -13.79
N THR B 270 -9.78 4.82 -13.64
CA THR B 270 -8.71 4.91 -14.65
C THR B 270 -9.15 4.26 -15.93
N LEU B 271 -9.76 3.07 -15.84
CA LEU B 271 -10.24 2.37 -17.02
C LEU B 271 -11.39 3.11 -17.70
N TRP B 272 -12.29 3.70 -16.89
CA TRP B 272 -13.39 4.52 -17.39
C TRP B 272 -12.88 5.73 -18.17
N PHE B 273 -11.85 6.42 -17.67
CA PHE B 273 -11.27 7.56 -18.37
C PHE B 273 -10.67 7.12 -19.70
N GLU B 274 -9.92 6.03 -19.70
CA GLU B 274 -9.36 5.47 -20.93
C GLU B 274 -10.48 5.09 -21.92
N LYS B 275 -11.50 4.37 -21.46
CA LYS B 275 -12.65 3.99 -22.28
C LYS B 275 -13.35 5.22 -22.89
N CYS B 276 -13.68 6.24 -22.06
CA CYS B 276 -14.29 7.50 -22.55
C CYS B 276 -13.49 8.07 -23.70
N ILE B 277 -12.17 8.11 -23.56
CA ILE B 277 -11.26 8.66 -24.59
C ILE B 277 -11.28 7.84 -25.89
N VAL B 278 -10.95 6.57 -25.81
CA VAL B 278 -10.78 5.76 -27.03
C VAL B 278 -12.10 5.41 -27.74
N GLU B 279 -13.25 5.44 -27.04
CA GLU B 279 -14.55 5.22 -27.67
C GLU B 279 -15.11 6.50 -28.28
N THR B 280 -14.40 7.64 -28.16
CA THR B 280 -14.74 8.89 -28.81
C THR B 280 -13.86 8.88 -30.04
N GLU B 281 -14.39 8.37 -31.12
CA GLU B 281 -13.63 8.15 -32.34
C GLU B 281 -13.39 9.44 -33.10
N ASN B 282 -14.34 10.37 -33.04
CA ASN B 282 -14.20 11.69 -33.66
C ASN B 282 -13.13 12.50 -32.90
N LEU B 283 -12.12 12.98 -33.63
CA LEU B 283 -10.99 13.71 -33.05
C LEU B 283 -11.35 14.96 -32.22
N GLU B 284 -12.27 15.83 -32.71
CA GLU B 284 -12.65 17.05 -32.02
C GLU B 284 -13.33 16.71 -30.72
N GLU B 285 -14.22 15.72 -30.76
CA GLU B 285 -14.90 15.26 -29.56
C GLU B 285 -13.89 14.61 -28.60
N ARG B 286 -12.94 13.82 -29.12
CA ARG B 286 -11.93 13.17 -28.28
C ARG B 286 -11.03 14.20 -27.59
N VAL B 287 -10.65 15.27 -28.30
CA VAL B 287 -9.88 16.37 -27.72
C VAL B 287 -10.71 17.01 -26.56
N ALA B 288 -12.02 17.16 -26.74
CA ALA B 288 -12.93 17.70 -25.73
C ALA B 288 -12.97 16.84 -24.48
N VAL B 289 -12.99 15.51 -24.66
CA VAL B 289 -12.98 14.50 -23.59
C VAL B 289 -11.67 14.56 -22.78
N VAL B 290 -10.50 14.53 -23.46
CA VAL B 290 -9.18 14.57 -22.82
C VAL B 290 -9.05 15.86 -22.01
N SER B 291 -9.43 16.97 -22.63
CA SER B 291 -9.39 18.31 -22.04
C SER B 291 -10.26 18.39 -20.78
N ARG B 292 -11.51 17.84 -20.82
CA ARG B 292 -12.41 17.82 -19.66
C ARG B 292 -11.81 17.01 -18.52
N ILE B 293 -11.11 15.90 -18.84
CA ILE B 293 -10.45 15.03 -17.85
C ILE B 293 -9.29 15.79 -17.20
N ILE B 294 -8.52 16.57 -17.99
CA ILE B 294 -7.44 17.39 -17.43
C ILE B 294 -8.05 18.50 -16.49
N GLU B 295 -9.30 18.92 -16.71
CA GLU B 295 -9.97 19.89 -15.82
C GLU B 295 -10.35 19.25 -14.51
N ILE B 296 -10.89 18.01 -14.58
CA ILE B 296 -11.22 17.19 -13.41
C ILE B 296 -9.95 17.02 -12.54
N LEU B 297 -8.81 16.82 -13.18
CA LEU B 297 -7.51 16.65 -12.52
C LEU B 297 -7.12 17.93 -11.76
N GLN B 298 -7.32 19.07 -12.40
CA GLN B 298 -7.02 20.37 -11.82
C GLN B 298 -7.80 20.58 -10.53
N VAL B 299 -9.13 20.21 -10.53
CA VAL B 299 -9.95 20.28 -9.34
C VAL B 299 -9.44 19.23 -8.33
N PHE B 300 -9.01 18.02 -8.79
CA PHE B 300 -8.45 17.02 -7.86
C PHE B 300 -7.23 17.60 -7.14
N GLN B 301 -6.35 18.29 -7.87
CA GLN B 301 -5.17 18.96 -7.33
C GLN B 301 -5.56 20.05 -6.29
N GLU B 302 -6.55 20.88 -6.61
CA GLU B 302 -7.05 21.93 -5.71
C GLU B 302 -7.59 21.31 -4.39
N LEU B 303 -8.22 20.15 -4.49
CA LEU B 303 -8.80 19.44 -3.35
C LEU B 303 -7.79 18.52 -2.62
N ASN B 304 -6.55 18.45 -3.06
CA ASN B 304 -5.55 17.50 -2.53
C ASN B 304 -6.05 16.05 -2.57
N ASN B 305 -6.66 15.66 -3.69
CA ASN B 305 -7.09 14.29 -3.88
C ASN B 305 -6.01 13.68 -4.79
N PHE B 306 -4.96 13.16 -4.18
CA PHE B 306 -3.84 12.59 -4.90
C PHE B 306 -4.20 11.25 -5.52
N ASN B 307 -5.14 10.51 -4.92
CA ASN B 307 -5.64 9.29 -5.50
C ASN B 307 -6.28 9.65 -6.89
N GLY B 308 -7.18 10.62 -6.93
CA GLY B 308 -7.80 11.10 -8.16
C GLY B 308 -6.81 11.62 -9.18
N VAL B 309 -5.82 12.41 -8.76
CA VAL B 309 -4.74 12.91 -9.65
C VAL B 309 -4.04 11.74 -10.33
N LEU B 310 -3.65 10.72 -9.56
CA LEU B 310 -2.98 9.56 -10.10
C LEU B 310 -3.90 8.66 -10.93
N GLU B 311 -5.21 8.66 -10.71
CA GLU B 311 -6.15 7.92 -11.57
C GLU B 311 -6.13 8.57 -12.95
N VAL B 312 -6.06 9.92 -13.01
CA VAL B 312 -6.00 10.66 -14.29
C VAL B 312 -4.66 10.45 -14.96
N VAL B 313 -3.56 10.62 -14.22
CA VAL B 313 -2.22 10.42 -14.76
C VAL B 313 -2.11 9.00 -15.30
N SER B 314 -2.55 8.00 -14.53
CA SER B 314 -2.50 6.58 -14.96
C SER B 314 -3.26 6.33 -16.29
N ALA B 315 -4.42 6.96 -16.47
CA ALA B 315 -5.20 6.86 -17.72
C ALA B 315 -4.45 7.54 -18.89
N MET B 316 -3.84 8.70 -18.64
CA MET B 316 -3.12 9.44 -19.69
C MET B 316 -1.85 8.75 -20.13
N ASN B 317 -1.24 7.96 -19.23
CA ASN B 317 0.01 7.24 -19.51
C ASN B 317 -0.20 5.81 -19.91
N SER B 318 -1.45 5.37 -20.02
CA SER B 318 -1.77 4.00 -20.46
C SER B 318 -1.40 3.83 -21.94
N SER B 319 -1.22 2.57 -22.37
CA SER B 319 -0.85 2.25 -23.74
C SER B 319 -1.82 2.77 -24.76
N PRO B 320 -3.17 2.63 -24.57
CA PRO B 320 -4.11 3.19 -25.56
C PRO B 320 -4.13 4.70 -25.68
N VAL B 321 -4.00 5.43 -24.56
CA VAL B 321 -4.09 6.90 -24.53
C VAL B 321 -2.75 7.57 -24.82
N TYR B 322 -1.64 7.08 -24.26
CA TYR B 322 -0.33 7.71 -24.46
C TYR B 322 0.00 7.99 -25.92
N ARG B 323 -0.31 7.02 -26.78
CA ARG B 323 0.00 7.05 -28.20
C ARG B 323 -0.88 7.99 -29.08
N LEU B 324 -1.92 8.65 -28.54
CA LEU B 324 -2.84 9.50 -29.31
C LEU B 324 -2.27 10.90 -29.57
N ASP B 325 -1.22 10.95 -30.37
CA ASP B 325 -0.47 12.19 -30.70
C ASP B 325 -1.35 13.24 -31.38
N HIS B 326 -2.28 12.83 -32.26
CA HIS B 326 -3.16 13.80 -32.92
C HIS B 326 -4.10 14.47 -31.94
N THR B 327 -4.45 13.78 -30.84
CA THR B 327 -5.34 14.28 -29.80
C THR B 327 -4.58 15.26 -28.93
N PHE B 328 -3.43 14.85 -28.39
CA PHE B 328 -2.65 15.71 -27.50
C PHE B 328 -2.08 16.95 -28.20
N GLU B 329 -1.87 16.91 -29.53
CA GLU B 329 -1.40 18.05 -30.33
C GLU B 329 -2.39 19.22 -30.23
N GLN B 330 -3.70 18.91 -30.18
CA GLN B 330 -4.80 19.89 -30.11
C GLN B 330 -5.16 20.31 -28.70
N ILE B 331 -4.49 19.75 -27.69
CA ILE B 331 -4.80 20.12 -26.30
C ILE B 331 -4.13 21.46 -25.97
N PRO B 332 -4.87 22.44 -25.37
CA PRO B 332 -4.23 23.72 -25.00
C PRO B 332 -2.97 23.55 -24.15
N SER B 333 -1.95 24.41 -24.39
CA SER B 333 -0.69 24.38 -23.64
C SER B 333 -0.86 24.43 -22.13
N ARG B 334 -1.84 25.19 -21.65
CA ARG B 334 -2.13 25.31 -20.23
C ARG B 334 -2.44 23.91 -19.64
N GLN B 335 -3.26 23.11 -20.38
CA GLN B 335 -3.65 21.77 -19.95
C GLN B 335 -2.54 20.76 -20.07
N LYS B 336 -1.71 20.88 -21.12
CA LYS B 336 -0.52 20.06 -21.26
C LYS B 336 0.39 20.28 -20.05
N LYS B 337 0.59 21.56 -19.66
CA LYS B 337 1.40 21.96 -18.50
C LYS B 337 0.79 21.45 -17.20
N ILE B 338 -0.55 21.51 -17.04
CA ILE B 338 -1.20 20.97 -15.83
C ILE B 338 -0.93 19.45 -15.76
N LEU B 339 -1.08 18.78 -16.90
CA LEU B 339 -0.90 17.35 -17.00
C LEU B 339 0.54 16.95 -16.77
N GLU B 340 1.46 17.68 -17.36
CA GLU B 340 2.89 17.43 -17.23
C GLU B 340 3.42 17.51 -15.76
N GLU B 341 2.91 18.46 -14.99
CA GLU B 341 3.33 18.62 -13.60
C GLU B 341 2.73 17.55 -12.71
N ALA B 342 1.50 17.08 -13.05
CA ALA B 342 0.83 16.01 -12.32
C ALA B 342 1.58 14.70 -12.56
N HIS B 343 2.02 14.45 -13.79
CA HIS B 343 2.85 13.30 -14.14
C HIS B 343 4.16 13.25 -13.31
N GLU B 344 4.80 14.41 -13.18
CA GLU B 344 6.07 14.53 -12.45
C GLU B 344 5.98 14.14 -10.98
N LEU B 345 4.79 14.22 -10.36
CA LEU B 345 4.58 13.76 -8.98
C LEU B 345 4.96 12.31 -8.83
N SER B 346 4.67 11.46 -9.85
CA SER B 346 4.99 10.02 -9.82
C SER B 346 6.48 9.75 -10.06
N GLU B 347 7.07 10.42 -11.02
CA GLU B 347 8.48 10.26 -11.37
C GLU B 347 9.47 10.13 -10.18
N ASP B 348 10.51 9.31 -10.37
CA ASP B 348 11.59 9.08 -9.41
C ASP B 348 11.06 8.60 -8.05
N HIS B 349 10.39 7.44 -8.06
CA HIS B 349 9.89 6.79 -6.86
C HIS B 349 9.01 7.70 -5.97
N TYR B 350 8.17 8.54 -6.61
CA TYR B 350 7.21 9.44 -5.94
C TYR B 350 7.87 10.53 -5.09
N LYS B 351 9.09 10.95 -5.45
CA LYS B 351 9.88 11.96 -4.71
C LYS B 351 9.12 13.27 -4.56
N LYS B 352 8.58 13.81 -5.67
CA LYS B 352 7.80 15.05 -5.65
C LYS B 352 6.45 14.88 -4.97
N TYR B 353 5.76 13.75 -5.19
CA TYR B 353 4.48 13.41 -4.53
C TYR B 353 4.63 13.47 -3.04
N LEU B 354 5.63 12.77 -2.53
CA LEU B 354 5.90 12.69 -1.08
C LEU B 354 6.20 14.04 -0.45
N ALA B 355 7.00 14.87 -1.12
CA ALA B 355 7.26 16.22 -0.66
C ALA B 355 5.97 17.05 -0.63
N LYS B 356 5.13 16.90 -1.65
CA LYS B 356 3.86 17.61 -1.76
C LYS B 356 2.91 17.19 -0.66
N LEU B 357 2.71 15.86 -0.46
CA LEU B 357 1.85 15.33 0.60
C LEU B 357 2.32 15.83 1.97
N ARG B 358 3.64 15.81 2.24
CA ARG B 358 4.21 16.34 3.49
C ARG B 358 3.99 17.87 3.70
N SER B 359 3.85 18.66 2.63
CA SER B 359 3.67 20.11 2.68
C SER B 359 2.24 20.58 2.84
N ILE B 360 1.26 19.67 2.74
CA ILE B 360 -0.16 20.07 2.82
C ILE B 360 -0.73 19.54 4.13
N ASN B 361 -1.90 20.05 4.50
CA ASN B 361 -2.59 19.56 5.68
C ASN B 361 -3.98 19.11 5.26
N PRO B 362 -4.57 18.17 6.02
CA PRO B 362 -5.93 17.71 5.71
C PRO B 362 -7.01 18.80 5.47
N PRO B 363 -8.13 18.45 4.79
CA PRO B 363 -8.44 17.15 4.21
C PRO B 363 -7.69 16.91 2.90
N CYS B 364 -7.29 15.67 2.73
CA CYS B 364 -6.64 15.20 1.51
C CYS B 364 -6.91 13.71 1.36
N VAL B 365 -6.69 13.20 0.16
CA VAL B 365 -6.84 11.78 -0.10
C VAL B 365 -5.52 11.30 -0.65
N PRO B 366 -4.69 10.70 0.21
CA PRO B 366 -3.42 10.15 -0.28
C PRO B 366 -3.57 8.95 -1.22
N PHE B 367 -2.49 8.68 -1.94
CA PHE B 367 -2.32 7.50 -2.78
C PHE B 367 -1.83 6.38 -1.86
N PHE B 368 -2.58 5.29 -1.77
CA PHE B 368 -2.28 4.22 -0.83
C PHE B 368 -1.12 3.31 -1.22
N GLY B 369 -0.84 3.18 -2.51
CA GLY B 369 0.14 2.25 -3.01
C GLY B 369 1.50 2.34 -2.38
N ILE B 370 2.00 3.55 -2.13
CA ILE B 370 3.32 3.74 -1.49
C ILE B 370 3.36 3.07 -0.13
N TYR B 371 2.32 3.26 0.69
CA TYR B 371 2.24 2.63 2.00
C TYR B 371 2.27 1.12 1.93
N LEU B 372 1.61 0.54 0.92
CA LEU B 372 1.50 -0.92 0.71
C LEU B 372 2.87 -1.51 0.42
N THR B 373 3.62 -0.87 -0.50
CA THR B 373 4.99 -1.30 -0.79
C THR B 373 5.89 -1.16 0.43
N ASN B 374 5.79 -0.03 1.14
CA ASN B 374 6.61 0.17 2.34
C ASN B 374 6.34 -0.82 3.44
N ILE B 375 5.07 -1.14 3.69
CA ILE B 375 4.75 -2.14 4.72
C ILE B 375 5.28 -3.49 4.29
N LEU B 376 4.98 -3.93 3.07
CA LEU B 376 5.42 -5.24 2.57
C LEU B 376 6.92 -5.45 2.64
N LYS B 377 7.67 -4.47 2.13
CA LYS B 377 9.13 -4.53 2.10
C LYS B 377 9.75 -4.49 3.47
N THR B 378 9.14 -3.76 4.42
CA THR B 378 9.60 -3.71 5.82
C THR B 378 9.44 -5.12 6.42
N GLU B 379 8.31 -5.78 6.15
CA GLU B 379 8.06 -7.11 6.70
C GLU B 379 8.88 -8.20 6.07
N GLU B 380 9.13 -8.10 4.77
CA GLU B 380 9.91 -9.10 4.05
C GLU B 380 11.43 -8.84 4.11
N GLY B 381 11.85 -7.60 4.35
CA GLY B 381 13.26 -7.24 4.38
C GLY B 381 13.92 -7.24 5.73
N ASN B 382 13.17 -7.58 6.77
CA ASN B 382 13.66 -7.63 8.15
C ASN B 382 13.24 -8.96 8.77
N PRO B 383 14.12 -9.54 9.62
CA PRO B 383 13.81 -10.85 10.20
C PRO B 383 12.83 -10.77 11.35
N GLU B 384 11.99 -11.80 11.46
CA GLU B 384 11.00 -11.87 12.52
C GLU B 384 11.66 -11.95 13.90
N VAL B 385 12.87 -12.53 13.92
CA VAL B 385 13.59 -12.79 15.15
C VAL B 385 15.05 -12.40 15.02
N LEU B 386 15.61 -11.93 16.15
CA LEU B 386 17.03 -11.64 16.32
C LEU B 386 17.55 -12.70 17.31
N LYS B 387 18.78 -13.12 17.16
CA LYS B 387 19.38 -14.10 18.07
C LYS B 387 20.56 -13.47 18.79
N ARG B 388 20.56 -13.60 20.12
CA ARG B 388 21.62 -13.05 20.97
C ARG B 388 22.01 -14.16 21.93
N HIS B 389 23.29 -14.56 21.91
CA HIS B 389 23.82 -15.65 22.75
C HIS B 389 23.02 -16.95 22.58
N GLY B 390 22.58 -17.22 21.34
CA GLY B 390 21.81 -18.40 20.99
C GLY B 390 20.34 -18.39 21.38
N LYS B 391 19.83 -17.25 21.89
CA LYS B 391 18.44 -17.11 22.33
C LYS B 391 17.63 -16.27 21.31
N GLU B 392 16.43 -16.74 20.93
CA GLU B 392 15.56 -16.02 20.00
C GLU B 392 14.85 -14.87 20.69
N LEU B 393 14.92 -13.66 20.09
CA LEU B 393 14.23 -12.46 20.57
C LEU B 393 13.32 -11.96 19.44
N ILE B 394 12.07 -11.61 19.77
CA ILE B 394 11.13 -11.08 18.81
C ILE B 394 11.69 -9.73 18.36
N ASN B 395 11.83 -9.52 17.03
CA ASN B 395 12.33 -8.26 16.50
C ASN B 395 11.18 -7.24 16.58
N PHE B 396 11.20 -6.39 17.59
CA PHE B 396 10.11 -5.44 17.82
C PHE B 396 10.25 -4.20 16.96
N SER B 397 11.48 -3.82 16.62
CA SER B 397 11.76 -2.68 15.73
C SER B 397 11.13 -2.75 14.38
N LYS B 398 11.14 -3.94 13.79
CA LYS B 398 10.50 -4.28 12.51
C LYS B 398 9.01 -3.93 12.63
N ARG B 399 8.39 -4.33 13.76
CA ARG B 399 6.97 -4.05 14.03
C ARG B 399 6.71 -2.56 14.23
N ARG B 400 7.56 -1.87 14.99
CA ARG B 400 7.48 -0.42 15.17
C ARG B 400 7.44 0.30 13.83
N LYS B 401 8.33 -0.06 12.93
CA LYS B 401 8.39 0.52 11.59
C LYS B 401 7.08 0.41 10.83
N VAL B 402 6.39 -0.73 10.96
CA VAL B 402 5.10 -0.98 10.33
C VAL B 402 4.06 -0.11 10.97
N ALA B 403 4.04 -0.06 12.31
CA ALA B 403 3.10 0.78 13.07
C ALA B 403 3.28 2.28 12.77
N GLU B 404 4.50 2.70 12.39
CA GLU B 404 4.78 4.08 11.99
C GLU B 404 4.11 4.36 10.64
N ILE B 405 4.11 3.38 9.72
CA ILE B 405 3.45 3.56 8.42
C ILE B 405 1.94 3.60 8.64
N THR B 406 1.39 2.66 9.44
CA THR B 406 -0.04 2.62 9.70
C THR B 406 -0.52 3.89 10.44
N GLY B 407 0.36 4.50 11.25
CA GLY B 407 0.06 5.74 11.94
C GLY B 407 -0.01 6.90 10.97
N GLU B 408 0.87 6.92 9.96
CA GLU B 408 0.85 7.95 8.92
C GLU B 408 -0.44 7.85 8.06
N ILE B 409 -0.98 6.63 7.84
CA ILE B 409 -2.21 6.44 7.08
C ILE B 409 -3.36 7.06 7.88
N GLN B 410 -3.41 6.73 9.18
CA GLN B 410 -4.45 7.22 10.09
C GLN B 410 -4.48 8.73 10.30
N GLN B 411 -3.35 9.42 10.10
CA GLN B 411 -3.31 10.86 10.33
C GLN B 411 -4.10 11.62 9.27
N TYR B 412 -4.26 11.02 8.08
CA TYR B 412 -5.06 11.59 7.02
C TYR B 412 -6.51 11.08 7.05
N GLN B 413 -6.89 10.18 7.97
CA GLN B 413 -8.27 9.65 8.02
C GLN B 413 -9.25 10.39 8.90
N ASN B 414 -8.81 11.41 9.62
CA ASN B 414 -9.61 12.07 10.63
C ASN B 414 -10.44 13.22 10.08
N GLN B 415 -9.82 14.04 9.20
CA GLN B 415 -10.43 15.24 8.66
C GLN B 415 -11.30 14.99 7.44
N PRO B 416 -12.60 15.32 7.52
CA PRO B 416 -13.45 15.20 6.35
C PRO B 416 -13.39 16.44 5.47
N TYR B 417 -14.02 16.36 4.31
CA TYR B 417 -14.11 17.45 3.35
C TYR B 417 -15.40 18.24 3.57
N CYS B 418 -15.33 19.56 3.42
CA CYS B 418 -16.50 20.39 3.53
C CYS B 418 -17.14 20.54 2.14
N LEU B 419 -17.77 19.46 1.68
CA LEU B 419 -18.44 19.37 0.39
C LEU B 419 -19.71 18.56 0.61
N ARG B 420 -20.79 18.95 -0.06
CA ARG B 420 -22.05 18.27 0.07
C ARG B 420 -22.07 17.07 -0.87
N VAL B 421 -22.70 15.96 -0.42
CA VAL B 421 -22.87 14.78 -1.25
C VAL B 421 -24.04 15.04 -2.19
N GLU B 422 -23.92 14.61 -3.43
CA GLU B 422 -24.97 14.63 -4.40
C GLU B 422 -25.19 13.13 -4.63
N SER B 423 -26.27 12.61 -4.04
CA SER B 423 -26.63 11.19 -4.00
C SER B 423 -26.72 10.50 -5.34
N ASP B 424 -27.20 11.20 -6.38
CA ASP B 424 -27.32 10.63 -7.72
C ASP B 424 -25.96 10.57 -8.43
N ILE B 425 -25.15 11.64 -8.35
CA ILE B 425 -23.81 11.67 -8.97
C ILE B 425 -22.94 10.62 -8.24
N LYS B 426 -23.11 10.48 -6.91
CA LYS B 426 -22.42 9.49 -6.07
C LYS B 426 -22.74 8.09 -6.56
N ARG B 427 -24.02 7.77 -6.72
CA ARG B 427 -24.45 6.45 -7.17
C ARG B 427 -23.97 6.18 -8.60
N PHE B 428 -23.91 7.22 -9.44
CA PHE B 428 -23.39 7.11 -10.82
C PHE B 428 -21.93 6.61 -10.82
N PHE B 429 -21.07 7.19 -9.97
CA PHE B 429 -19.67 6.79 -9.84
C PHE B 429 -19.48 5.49 -9.10
N GLU B 430 -20.29 5.20 -8.08
CA GLU B 430 -20.21 3.90 -7.39
C GLU B 430 -20.53 2.73 -8.33
N ASN B 431 -21.49 2.92 -9.27
CA ASN B 431 -21.91 1.88 -10.20
C ASN B 431 -21.08 1.83 -11.50
N LEU B 432 -20.06 2.69 -11.72
CA LEU B 432 -19.29 2.63 -12.99
C LEU B 432 -18.72 1.21 -13.16
N ASN B 433 -18.91 0.62 -14.33
CA ASN B 433 -18.39 -0.70 -14.65
C ASN B 433 -17.86 -0.69 -16.09
N PRO B 434 -16.75 0.06 -16.38
CA PRO B 434 -16.24 0.12 -17.77
C PRO B 434 -16.01 -1.21 -18.46
N MET B 435 -15.48 -2.20 -17.70
CA MET B 435 -15.18 -3.53 -18.25
C MET B 435 -16.41 -4.33 -18.60
N GLY B 436 -17.58 -4.03 -18.04
CA GLY B 436 -18.77 -4.83 -18.25
C GLY B 436 -18.55 -6.25 -17.74
N ASN B 437 -18.80 -7.26 -18.61
CA ASN B 437 -18.59 -8.68 -18.27
C ASN B 437 -17.26 -9.20 -18.77
N SER B 438 -16.42 -8.35 -19.40
CA SER B 438 -15.15 -8.78 -19.93
C SER B 438 -14.12 -8.95 -18.85
N MET B 439 -13.16 -9.81 -19.10
CA MET B 439 -12.02 -9.99 -18.22
C MET B 439 -11.01 -8.89 -18.55
N GLU B 440 -10.02 -8.71 -17.68
CA GLU B 440 -8.99 -7.66 -17.77
C GLU B 440 -8.31 -7.66 -19.13
N LYS B 441 -7.71 -8.79 -19.54
CA LYS B 441 -6.99 -8.89 -20.81
C LYS B 441 -7.86 -8.54 -22.03
N GLU B 442 -9.00 -9.17 -22.13
CA GLU B 442 -9.99 -8.96 -23.19
C GLU B 442 -10.36 -7.43 -23.28
N PHE B 443 -10.56 -6.77 -22.13
CA PHE B 443 -10.97 -5.37 -22.11
C PHE B 443 -9.85 -4.40 -22.48
N THR B 444 -8.68 -4.73 -22.03
CA THR B 444 -7.47 -3.96 -22.19
C THR B 444 -7.00 -4.11 -23.65
N ASP B 445 -7.15 -5.32 -24.23
CA ASP B 445 -6.90 -5.59 -25.64
C ASP B 445 -7.90 -4.81 -26.48
N TYR B 446 -9.16 -4.76 -26.06
CA TYR B 446 -10.18 -3.96 -26.74
C TYR B 446 -9.85 -2.43 -26.73
N LEU B 447 -9.41 -1.88 -25.60
CA LEU B 447 -9.04 -0.46 -25.53
C LEU B 447 -7.89 -0.12 -26.48
N PHE B 448 -6.89 -1.01 -26.52
CA PHE B 448 -5.73 -0.84 -27.37
C PHE B 448 -6.09 -0.95 -28.85
N ASN B 449 -6.95 -1.92 -29.21
CA ASN B 449 -7.40 -2.05 -30.60
C ASN B 449 -8.24 -0.82 -30.98
N LYS B 450 -9.01 -0.23 -30.04
CA LYS B 450 -9.79 0.99 -30.31
C LYS B 450 -8.84 2.17 -30.56
N SER B 451 -7.77 2.28 -29.79
CA SER B 451 -6.74 3.30 -29.97
C SER B 451 -6.13 3.22 -31.38
N LEU B 452 -5.76 2.00 -31.81
CA LEU B 452 -5.19 1.76 -33.14
C LEU B 452 -6.13 2.09 -34.28
N GLU B 453 -7.43 1.88 -34.09
CA GLU B 453 -8.45 2.20 -35.09
C GLU B 453 -8.62 3.72 -35.24
N ILE B 454 -8.76 4.44 -34.13
CA ILE B 454 -9.01 5.89 -34.15
C ILE B 454 -7.76 6.70 -34.54
N GLU B 455 -6.56 6.17 -34.25
CA GLU B 455 -5.30 6.80 -34.65
C GLU B 455 -4.35 5.70 -35.05
N PRO B 456 -4.41 5.25 -36.31
CA PRO B 456 -3.52 4.17 -36.75
C PRO B 456 -2.04 4.47 -36.64
N ARG B 457 -1.20 3.42 -36.65
CA ARG B 457 0.25 3.62 -36.58
C ARG B 457 0.73 4.28 -37.88
N ASN B 458 1.75 5.10 -37.79
CA ASN B 458 2.36 5.69 -38.99
C ASN B 458 2.90 4.51 -39.84
N PRO B 459 2.86 4.60 -41.17
CA PRO B 459 2.50 5.75 -41.99
C PRO B 459 1.00 5.86 -42.33
N LYS B 460 0.16 4.87 -41.91
CA LYS B 460 -1.29 4.84 -42.21
C LYS B 460 -1.94 6.20 -41.93
N PRO B 461 -2.66 6.81 -42.90
CA PRO B 461 -3.24 8.14 -42.63
C PRO B 461 -4.37 8.15 -41.61
N LEU B 462 -4.63 9.33 -41.05
CA LEU B 462 -5.63 9.47 -40.02
C LEU B 462 -7.02 9.46 -40.65
N PRO B 463 -7.90 8.49 -40.33
CA PRO B 463 -9.25 8.53 -40.89
C PRO B 463 -10.09 9.60 -40.18
N ARG B 464 -11.35 9.76 -40.61
CA ARG B 464 -12.29 10.65 -39.95
C ARG B 464 -13.41 9.79 -39.44
N PHE B 465 -14.08 10.21 -38.37
CA PHE B 465 -15.14 9.41 -37.76
C PHE B 465 -16.30 10.33 -37.45
N PRO B 466 -17.53 9.82 -37.48
CA PRO B 466 -18.66 10.69 -37.16
C PRO B 466 -18.76 11.04 -35.69
N LYS B 467 -19.39 12.18 -35.43
CA LYS B 467 -19.64 12.65 -34.09
C LYS B 467 -20.69 11.75 -33.41
N LYS B 468 -20.58 11.61 -32.08
CA LYS B 468 -21.45 10.80 -31.23
C LYS B 468 -22.21 11.65 -30.21
N TYR B 469 -21.78 12.92 -29.92
CA TYR B 469 -22.41 13.74 -28.89
C TYR B 469 -23.33 14.77 -29.51
N SER B 470 -24.62 14.74 -29.13
CA SER B 470 -25.64 15.66 -29.63
C SER B 470 -25.65 17.01 -28.89
N TYR B 471 -24.96 17.11 -27.74
CA TYR B 471 -24.92 18.30 -26.89
C TYR B 471 -23.64 19.09 -27.15
N PRO B 472 -23.55 20.36 -26.70
CA PRO B 472 -22.30 21.12 -26.98
C PRO B 472 -21.13 20.60 -26.15
N LEU B 473 -19.93 20.60 -26.74
CA LEU B 473 -18.70 20.10 -26.14
C LEU B 473 -17.93 21.16 -25.35
N LYS B 474 -18.43 22.41 -25.28
CA LYS B 474 -17.72 23.49 -24.60
C LYS B 474 -17.76 23.25 -23.11
N SER B 475 -16.61 23.34 -22.48
CA SER B 475 -16.53 23.14 -21.04
C SER B 475 -17.12 24.35 -20.31
N PRO B 476 -17.83 24.16 -19.17
CA PRO B 476 -18.23 25.31 -18.36
C PRO B 476 -17.04 25.93 -17.59
N GLY B 477 -15.88 25.26 -17.55
CA GLY B 477 -14.69 25.68 -16.83
C GLY B 477 -14.63 25.08 -15.45
N VAL B 478 -13.54 25.33 -14.72
CA VAL B 478 -13.37 24.81 -13.35
C VAL B 478 -13.48 25.90 -12.29
N ARG B 479 -13.81 27.12 -12.69
CA ARG B 479 -13.99 28.20 -11.72
C ARG B 479 -15.40 28.03 -11.15
N PRO B 480 -15.56 27.93 -9.82
CA PRO B 480 -16.92 27.75 -9.28
C PRO B 480 -17.87 28.86 -9.73
N SER B 481 -18.92 28.47 -10.46
CA SER B 481 -19.91 29.38 -11.05
C SER B 481 -20.77 30.11 -9.99
N ASN B 482 -20.62 29.81 -8.68
CA ASN B 482 -21.40 30.44 -7.63
C ASN B 482 -20.54 30.83 -6.41
N PRO B 483 -20.92 31.93 -5.69
CA PRO B 483 -20.19 32.31 -4.46
C PRO B 483 -20.15 31.19 -3.40
C RV1 C . 12.94 3.12 -12.53
N RV1 C . 13.95 2.22 -12.33
O RV1 C . 10.11 7.42 -12.92
S RV1 C . 9.59 6.12 -13.23
C1 RV1 C . 12.95 4.36 -11.89
N1 RV1 C . 8.35 5.76 -12.22
O1 RV1 C . 9.02 5.84 -14.52
C2 RV1 C . 11.93 5.28 -12.10
O2 RV1 C . 9.50 5.88 -10.22
C3 RV1 C . 10.87 4.94 -12.93
C4 RV1 C . 10.85 3.71 -13.60
C5 RV1 C . 11.87 2.81 -13.38
C6 RV1 C . 8.45 5.68 -10.85
C7 RV1 C . 7.14 5.39 -10.17
C8 RV1 C . 6.85 6.16 -8.92
C9 RV1 C . 7.16 4.73 -8.82
C RV1 D . -11.84 24.74 -8.16
N RV1 D . -11.22 25.09 -9.32
O RV1 D . -15.06 22.82 -4.58
S RV1 D . -13.89 23.59 -4.27
C1 RV1 D . -13.14 24.25 -8.16
N1 RV1 D . -14.26 25.05 -3.56
O1 RV1 D . -12.90 23.06 -3.38
C2 RV1 D . -13.76 23.89 -6.98
O2 RV1 D . -15.87 25.66 -5.03
C3 RV1 D . -13.09 24.02 -5.78
C4 RV1 D . -11.80 24.52 -5.75
C5 RV1 D . -11.18 24.87 -6.94
C6 RV1 D . -15.20 25.95 -4.04
C7 RV1 D . -15.38 27.25 -3.29
C8 RV1 D . -16.77 27.82 -3.19
C9 RV1 D . -15.78 28.48 -4.08
#